data_3HC3
#
_entry.id   3HC3
#
_cell.length_a   74.463
_cell.length_b   127.608
_cell.length_c   123.253
_cell.angle_alpha   90.00
_cell.angle_beta   90.00
_cell.angle_gamma   90.00
#
_symmetry.space_group_name_H-M   'I 2 2 2'
#
loop_
_entity.id
_entity.type
_entity.pdbx_description
1 polymer 'IMMUNOGLOBULIN IGG1 FAB, LIGHT CHAIN'
2 polymer 'IMMUNOGLOBULIN IGG1 FAB, HEAVY CHAIN'
3 non-polymer 'ACETATE ION'
4 non-polymer 'ZINC ION'
5 water water
#
loop_
_entity_poly.entity_id
_entity_poly.type
_entity_poly.pdbx_seq_one_letter_code
_entity_poly.pdbx_strand_id
1 'polypeptide(L)'
;QVQLVQSGAEVKKPGESVKVSCKASGYTFTTYYLHWVRQAPGQGLEWMGWIYPGNVHAQYNEKFKGRVTITADKSTSTAY
MELSSLRSEDTAVYYCARSWEGFPYWGQGTTVTVSSASTKGPSVFPLAPSSKSTSGGTAALGCLVKDYFPEPVTVSWNSG
ALTSGVHTFPAVLQSSGLYSLSSVVTVPSSSLGTQTYICNVNHKPSNTKVDKKVEPK
;
H
2 'polypeptide(L)'
;DIQMTQSPSSLSASVGDRVTITCKASQNVGINVAWYQQKPGKAPKLLISSASYRYSGVPSRFSGSGSGTDFTLTISSLQP
EDFATYFCQQYDTYPFTFGQGTKVEIKRTVAAPSVFIFPPSDEQLKSGTASVVCLLNNFYPREAKVQWKVDNALQSGNSQ
ESVTEQDSKDSTYSLSSTLTLSKADYEKHKVYACEVTHQGLSSPVTKSFNRGE
;
L
#
loop_
_chem_comp.id
_chem_comp.type
_chem_comp.name
_chem_comp.formula
ACT non-polymer 'ACETATE ION' 'C2 H3 O2 -1'
ZN non-polymer 'ZINC ION' 'Zn 2'
#
# COMPACT_ATOMS: atom_id res chain seq x y z
N GLN A 1 14.60 -9.43 -25.11
CA GLN A 1 14.11 -9.39 -23.72
C GLN A 1 12.65 -9.03 -23.81
N VAL A 2 11.82 -9.89 -23.24
CA VAL A 2 10.40 -9.67 -23.23
C VAL A 2 10.11 -8.47 -22.35
N GLN A 3 9.34 -7.53 -22.89
CA GLN A 3 8.98 -6.34 -22.13
C GLN A 3 7.56 -5.99 -22.45
N LEU A 4 6.85 -5.62 -21.39
CA LEU A 4 5.47 -5.14 -21.48
C LEU A 4 5.47 -3.77 -20.81
N VAL A 5 5.18 -2.73 -21.57
CA VAL A 5 5.20 -1.35 -21.05
C VAL A 5 3.81 -0.74 -21.20
N GLN A 6 3.24 -0.36 -20.07
CA GLN A 6 1.88 0.17 -20.01
C GLN A 6 1.85 1.68 -20.03
N SER A 7 0.71 2.22 -20.39
CA SER A 7 0.48 3.65 -20.34
C SER A 7 0.40 4.19 -18.89
N GLY A 8 0.43 5.50 -18.74
CA GLY A 8 0.54 6.12 -17.43
C GLY A 8 -0.76 6.19 -16.64
N ALA A 9 -0.64 6.64 -15.40
CA ALA A 9 -1.76 6.74 -14.47
C ALA A 9 -2.91 7.55 -15.03
N GLU A 10 -4.12 7.16 -14.64
CA GLU A 10 -5.35 7.77 -15.08
C GLU A 10 -6.22 8.12 -13.88
N VAL A 11 -6.98 9.19 -14.02
CA VAL A 11 -7.96 9.61 -13.01
C VAL A 11 -9.24 9.90 -13.76
N LYS A 12 -10.31 9.24 -13.33
CA LYS A 12 -11.61 9.28 -14.01
C LYS A 12 -12.73 9.52 -13.01
N LYS A 13 -13.85 10.04 -13.51
CA LYS A 13 -15.06 10.20 -12.72
C LYS A 13 -15.93 8.97 -12.93
N PRO A 14 -16.79 8.65 -11.96
CA PRO A 14 -17.75 7.58 -12.16
C PRO A 14 -18.59 7.78 -13.41
N GLY A 15 -18.83 6.69 -14.12
CA GLY A 15 -19.58 6.70 -15.37
C GLY A 15 -18.69 6.80 -16.60
N GLU A 16 -17.44 7.23 -16.42
CA GLU A 16 -16.54 7.40 -17.54
C GLU A 16 -15.94 6.04 -17.95
N SER A 17 -15.16 6.05 -19.03
CA SER A 17 -14.37 4.89 -19.44
C SER A 17 -12.88 5.18 -19.35
N VAL A 18 -12.08 4.13 -19.22
CA VAL A 18 -10.62 4.27 -19.24
C VAL A 18 -10.10 3.24 -20.22
N LYS A 19 -9.06 3.61 -20.96
CA LYS A 19 -8.41 2.68 -21.89
C LYS A 19 -6.92 2.70 -21.59
N VAL A 20 -6.39 1.54 -21.25
CA VAL A 20 -4.99 1.40 -20.88
C VAL A 20 -4.29 0.60 -21.97
N SER A 21 -3.09 1.01 -22.34
CA SER A 21 -2.32 0.28 -23.35
C SER A 21 -1.20 -0.57 -22.74
N CYS A 22 -0.82 -1.58 -23.51
CA CYS A 22 0.28 -2.46 -23.15
C CYS A 22 1.07 -2.75 -24.40
N LYS A 23 2.24 -2.14 -24.47
CA LYS A 23 3.15 -2.27 -25.62
C LYS A 23 4.10 -3.44 -25.36
N ALA A 24 4.01 -4.46 -26.23
CA ALA A 24 4.78 -5.68 -26.10
C ALA A 24 5.99 -5.65 -27.03
N SER A 25 7.12 -6.11 -26.53
CA SER A 25 8.28 -6.22 -27.40
C SER A 25 9.14 -7.40 -26.99
N GLY A 26 10.01 -7.83 -27.89
CA GLY A 26 10.97 -8.90 -27.59
C GLY A 26 10.50 -10.31 -27.85
N TYR A 27 9.31 -10.45 -28.45
CA TYR A 27 8.80 -11.75 -28.81
C TYR A 27 7.74 -11.59 -29.90
N THR A 28 7.31 -12.74 -30.43
CA THR A 28 6.29 -12.74 -31.47
C THR A 28 4.91 -12.58 -30.82
N PHE A 29 4.41 -11.35 -30.94
CA PHE A 29 3.17 -10.89 -30.34
C PHE A 29 1.99 -11.82 -30.58
N THR A 30 1.90 -12.39 -31.77
CA THR A 30 0.74 -13.20 -32.13
C THR A 30 0.73 -14.62 -31.54
N THR A 31 1.77 -15.01 -30.82
CA THR A 31 1.86 -16.41 -30.37
C THR A 31 1.56 -16.67 -28.88
N TYR A 32 1.35 -15.62 -28.09
CA TYR A 32 1.01 -15.78 -26.67
C TYR A 32 -0.27 -15.04 -26.31
N TYR A 33 -1.02 -15.59 -25.39
CA TYR A 33 -2.13 -14.87 -24.78
C TYR A 33 -1.61 -13.76 -23.91
N LEU A 34 -2.29 -12.62 -24.03
CA LEU A 34 -2.05 -11.46 -23.21
C LEU A 34 -3.28 -11.22 -22.31
N HIS A 35 -3.05 -11.20 -21.02
CA HIS A 35 -4.12 -11.11 -20.07
C HIS A 35 -4.11 -9.76 -19.36
N TRP A 36 -5.25 -9.42 -18.79
CA TRP A 36 -5.30 -8.26 -17.91
C TRP A 36 -5.76 -8.70 -16.52
N VAL A 37 -5.08 -8.17 -15.51
CA VAL A 37 -5.31 -8.49 -14.12
C VAL A 37 -5.27 -7.18 -13.34
N ARG A 38 -6.13 -7.01 -12.36
CA ARG A 38 -6.05 -5.83 -11.50
C ARG A 38 -5.86 -6.19 -10.03
N GLN A 39 -5.40 -5.19 -9.28
CA GLN A 39 -5.13 -5.35 -7.86
C GLN A 39 -5.55 -4.12 -7.08
N ALA A 40 -6.35 -4.35 -6.07
CA ALA A 40 -6.74 -3.28 -5.15
C ALA A 40 -6.95 -3.92 -3.80
N PRO A 41 -6.77 -3.14 -2.70
CA PRO A 41 -7.03 -3.71 -1.38
C PRO A 41 -8.47 -4.17 -1.27
N GLY A 42 -8.70 -5.33 -0.65
CA GLY A 42 -10.06 -5.72 -0.32
C GLY A 42 -10.68 -6.70 -1.29
N GLN A 43 -10.31 -6.62 -2.57
CA GLN A 43 -10.63 -7.70 -3.51
C GLN A 43 -9.36 -8.47 -3.95
N GLY A 44 -8.18 -7.84 -3.76
CA GLY A 44 -6.91 -8.50 -4.06
C GLY A 44 -6.65 -8.53 -5.56
N LEU A 45 -5.88 -9.53 -6.01
CA LEU A 45 -5.69 -9.75 -7.45
C LEU A 45 -6.93 -10.37 -8.13
N GLU A 46 -7.36 -9.76 -9.22
CA GLU A 46 -8.57 -10.15 -9.92
C GLU A 46 -8.30 -10.28 -11.44
N TRP A 47 -8.55 -11.44 -11.99
CA TRP A 47 -8.36 -11.65 -13.42
C TRP A 47 -9.48 -11.04 -14.24
N MET A 48 -9.14 -10.32 -15.29
CA MET A 48 -10.14 -9.63 -16.09
C MET A 48 -10.47 -10.28 -17.41
N GLY A 49 -9.45 -10.80 -18.08
CA GLY A 49 -9.67 -11.39 -19.40
C GLY A 49 -8.38 -11.54 -20.16
N TRP A 50 -8.49 -12.14 -21.34
CA TRP A 50 -7.36 -12.27 -22.26
C TRP A 50 -7.70 -11.93 -23.69
N ILE A 51 -6.65 -11.68 -24.48
CA ILE A 51 -6.74 -11.64 -25.92
C ILE A 51 -5.63 -12.52 -26.49
N TYR A 52 -5.94 -13.18 -27.61
CA TYR A 52 -4.95 -13.94 -28.35
C TYR A 52 -4.71 -13.16 -29.64
N PRO A 53 -3.59 -12.44 -29.72
CA PRO A 53 -3.43 -11.54 -30.87
C PRO A 53 -3.36 -12.19 -32.26
N GLY A 54 -3.07 -13.49 -32.32
CA GLY A 54 -3.04 -14.22 -33.60
C GLY A 54 -4.35 -14.12 -34.36
N ASN A 55 -5.48 -14.18 -33.65
CA ASN A 55 -6.81 -14.09 -34.28
C ASN A 55 -7.75 -13.05 -33.62
N VAL A 56 -7.16 -12.29 -32.68
CA VAL A 56 -7.85 -11.31 -31.84
C VAL A 56 -9.11 -11.81 -31.14
N HIS A 57 -9.16 -13.10 -30.86
CA HIS A 57 -10.18 -13.63 -29.98
C HIS A 57 -9.89 -13.13 -28.57
N ALA A 58 -10.94 -12.81 -27.82
CA ALA A 58 -10.84 -12.31 -26.43
C ALA A 58 -11.90 -12.96 -25.61
N GLN A 59 -11.58 -13.21 -24.34
CA GLN A 59 -12.52 -13.74 -23.39
C GLN A 59 -12.40 -12.97 -22.08
N TYR A 60 -13.53 -12.79 -21.42
CA TYR A 60 -13.61 -11.93 -20.24
C TYR A 60 -14.19 -12.64 -19.03
N ASN A 61 -13.74 -12.20 -17.87
CA ASN A 61 -14.34 -12.55 -16.60
C ASN A 61 -15.79 -12.07 -16.59
N GLU A 62 -16.73 -13.01 -16.39
CA GLU A 62 -18.16 -12.71 -16.47
C GLU A 62 -18.59 -11.70 -15.39
N LYS A 63 -17.79 -11.59 -14.31
CA LYS A 63 -18.10 -10.66 -13.21
C LYS A 63 -18.09 -9.20 -13.65
N PHE A 64 -17.38 -8.89 -14.73
CA PHE A 64 -17.33 -7.52 -15.23
C PHE A 64 -18.55 -7.12 -16.06
N LYS A 65 -19.45 -8.08 -16.31
CA LYS A 65 -20.73 -7.83 -16.96
C LYS A 65 -20.61 -7.07 -18.27
N GLY A 66 -19.65 -7.46 -19.10
CA GLY A 66 -19.45 -6.81 -20.39
C GLY A 66 -18.75 -5.45 -20.37
N ARG A 67 -18.34 -4.97 -19.19
CA ARG A 67 -17.67 -3.65 -19.08
C ARG A 67 -16.25 -3.62 -19.62
N VAL A 68 -15.63 -4.79 -19.79
CA VAL A 68 -14.24 -4.87 -20.24
C VAL A 68 -14.20 -5.23 -21.76
N THR A 69 -13.38 -4.50 -22.52
CA THR A 69 -13.10 -4.82 -23.93
C THR A 69 -11.58 -4.85 -24.08
N ILE A 70 -11.04 -5.94 -24.60
CA ILE A 70 -9.61 -6.04 -24.83
C ILE A 70 -9.41 -6.14 -26.32
N THR A 71 -8.50 -5.34 -26.86
CA THR A 71 -8.24 -5.31 -28.29
C THR A 71 -6.73 -5.36 -28.51
N ALA A 72 -6.29 -5.62 -29.73
CA ALA A 72 -4.87 -5.69 -30.05
C ALA A 72 -4.63 -5.17 -31.45
N ASP A 73 -3.53 -4.43 -31.58
CA ASP A 73 -3.06 -3.93 -32.86
C ASP A 73 -1.82 -4.72 -33.20
N LYS A 74 -1.97 -5.66 -34.13
CA LYS A 74 -0.85 -6.48 -34.54
C LYS A 74 0.25 -5.66 -35.22
N SER A 75 -0.12 -4.55 -35.85
CA SER A 75 0.87 -3.78 -36.60
C SER A 75 1.87 -3.10 -35.65
N THR A 76 1.45 -2.88 -34.40
CA THR A 76 2.30 -2.19 -33.43
C THR A 76 2.60 -3.03 -32.17
N SER A 77 2.14 -4.28 -32.16
CA SER A 77 2.32 -5.19 -31.00
C SER A 77 1.87 -4.53 -29.70
N THR A 78 0.68 -3.93 -29.75
CA THR A 78 0.09 -3.24 -28.59
C THR A 78 -1.29 -3.83 -28.31
N ALA A 79 -1.54 -4.16 -27.03
CA ALA A 79 -2.86 -4.58 -26.55
C ALA A 79 -3.47 -3.41 -25.74
N TYR A 80 -4.78 -3.38 -25.67
CA TYR A 80 -5.51 -2.32 -24.99
C TYR A 80 -6.61 -2.97 -24.14
N MET A 81 -6.87 -2.39 -22.98
CA MET A 81 -7.99 -2.81 -22.14
C MET A 81 -8.83 -1.55 -21.88
N GLU A 82 -10.10 -1.60 -22.26
CA GLU A 82 -11.02 -0.52 -21.98
C GLU A 82 -12.06 -1.03 -20.97
N LEU A 83 -12.26 -0.25 -19.93
CA LEU A 83 -13.21 -0.58 -18.87
C LEU A 83 -14.19 0.57 -18.82
N SER A 84 -15.46 0.27 -19.03
CA SER A 84 -16.48 1.28 -19.14
C SER A 84 -17.37 1.34 -17.89
N SER A 85 -18.21 2.37 -17.83
CA SER A 85 -19.09 2.59 -16.67
C SER A 85 -18.35 2.44 -15.34
N LEU A 86 -17.29 3.21 -15.20
CA LEU A 86 -16.43 3.14 -14.04
C LEU A 86 -17.17 3.48 -12.74
N ARG A 87 -16.79 2.78 -11.68
CA ARG A 87 -17.27 3.01 -10.32
C ARG A 87 -16.07 3.16 -9.42
N SER A 88 -16.24 3.78 -8.25
CA SER A 88 -15.12 3.97 -7.32
C SER A 88 -14.40 2.64 -7.03
N GLU A 89 -15.15 1.54 -6.96
CA GLU A 89 -14.57 0.20 -6.71
C GLU A 89 -13.63 -0.29 -7.81
N ASP A 90 -13.61 0.37 -8.96
CA ASP A 90 -12.65 0.07 -10.03
C ASP A 90 -11.28 0.74 -9.80
N THR A 91 -11.14 1.51 -8.73
CA THR A 91 -9.85 2.07 -8.35
C THR A 91 -8.88 0.91 -8.04
N ALA A 92 -7.79 0.86 -8.78
CA ALA A 92 -6.89 -0.30 -8.73
C ALA A 92 -5.64 -0.06 -9.59
N VAL A 93 -4.67 -0.94 -9.41
CA VAL A 93 -3.56 -1.01 -10.33
C VAL A 93 -3.90 -2.12 -11.34
N TYR A 94 -3.83 -1.76 -12.62
CA TYR A 94 -4.13 -2.64 -13.73
C TYR A 94 -2.83 -3.11 -14.36
N TYR A 95 -2.71 -4.43 -14.58
CA TYR A 95 -1.55 -5.02 -15.21
C TYR A 95 -1.94 -5.77 -16.47
N CYS A 96 -1.08 -5.73 -17.48
CA CYS A 96 -1.07 -6.75 -18.53
C CYS A 96 0.00 -7.80 -18.17
N ALA A 97 -0.21 -9.02 -18.64
CA ALA A 97 0.65 -10.13 -18.32
C ALA A 97 0.61 -11.15 -19.44
N ARG A 98 1.79 -11.71 -19.76
CA ARG A 98 1.89 -12.73 -20.79
C ARG A 98 1.81 -14.09 -20.13
N SER A 99 0.97 -14.95 -20.68
CA SER A 99 0.68 -16.25 -20.09
C SER A 99 1.56 -17.35 -20.66
N TRP A 100 2.00 -18.24 -19.77
CA TRP A 100 2.52 -19.58 -20.09
C TRP A 100 2.70 -20.30 -18.74
N GLU A 101 1.83 -21.27 -18.50
CA GLU A 101 1.72 -21.97 -17.22
C GLU A 101 1.84 -20.99 -16.05
N GLY A 102 0.90 -20.07 -15.97
CA GLY A 102 1.01 -18.93 -15.07
C GLY A 102 1.38 -17.68 -15.87
N PHE A 103 1.86 -16.66 -15.17
CA PHE A 103 2.19 -15.37 -15.75
C PHE A 103 3.67 -15.04 -15.49
N PRO A 104 4.56 -15.47 -16.40
CA PRO A 104 5.97 -15.15 -16.27
C PRO A 104 6.38 -13.69 -16.44
N TYR A 105 5.61 -12.96 -17.23
CA TYR A 105 5.93 -11.57 -17.58
C TYR A 105 4.73 -10.68 -17.34
N TRP A 106 5.00 -9.53 -16.74
CA TRP A 106 4.02 -8.55 -16.37
C TRP A 106 4.46 -7.17 -16.82
N GLY A 107 3.49 -6.32 -17.14
CA GLY A 107 3.76 -4.90 -17.32
C GLY A 107 4.05 -4.27 -15.97
N GLN A 108 4.34 -2.97 -15.96
CA GLN A 108 4.72 -2.30 -14.73
C GLN A 108 3.54 -1.90 -13.87
N GLY A 109 2.33 -2.00 -14.42
CA GLY A 109 1.13 -1.55 -13.76
C GLY A 109 0.76 -0.15 -14.17
N THR A 110 -0.55 0.11 -14.13
CA THR A 110 -1.13 1.42 -14.40
C THR A 110 -2.14 1.67 -13.29
N THR A 111 -1.93 2.74 -12.52
CA THR A 111 -2.89 3.14 -11.49
C THR A 111 -4.05 3.86 -12.15
N VAL A 112 -5.28 3.42 -11.83
CA VAL A 112 -6.48 4.11 -12.26
C VAL A 112 -7.27 4.47 -11.00
N THR A 113 -7.54 5.75 -10.82
CA THR A 113 -8.31 6.25 -9.70
C THR A 113 -9.66 6.67 -10.24
N VAL A 114 -10.72 6.15 -9.64
CA VAL A 114 -12.08 6.54 -10.01
C VAL A 114 -12.73 7.23 -8.82
N SER A 115 -13.07 8.49 -9.03
CA SER A 115 -13.60 9.32 -7.94
C SER A 115 -14.37 10.50 -8.49
N SER A 116 -15.37 10.94 -7.71
CA SER A 116 -16.11 12.17 -8.00
CA SER A 116 -16.11 12.17 -8.00
C SER A 116 -15.33 13.41 -7.61
N ALA A 117 -14.23 13.24 -6.86
CA ALA A 117 -13.44 14.37 -6.37
C ALA A 117 -12.75 15.11 -7.52
N SER A 118 -12.46 16.39 -7.29
CA SER A 118 -11.76 17.20 -8.29
C SER A 118 -10.36 17.50 -7.81
N THR A 119 -9.47 17.72 -8.78
CA THR A 119 -8.08 18.01 -8.48
C THR A 119 -7.99 19.13 -7.45
N LYS A 120 -7.18 18.90 -6.42
CA LYS A 120 -6.97 19.86 -5.33
C LYS A 120 -5.60 19.65 -4.71
N GLY A 121 -4.87 20.75 -4.54
CA GLY A 121 -3.56 20.70 -3.92
C GLY A 121 -3.69 20.64 -2.41
N PRO A 122 -2.67 20.09 -1.74
CA PRO A 122 -2.71 19.95 -0.28
C PRO A 122 -2.52 21.26 0.49
N SER A 123 -3.20 21.34 1.63
CA SER A 123 -2.77 22.25 2.72
C SER A 123 -1.62 21.57 3.47
N VAL A 124 -0.58 22.32 3.82
CA VAL A 124 0.56 21.75 4.53
C VAL A 124 0.70 22.46 5.87
N PHE A 125 0.53 21.69 6.94
CA PHE A 125 0.55 22.21 8.30
C PHE A 125 1.71 21.66 9.10
N PRO A 126 2.36 22.50 9.92
CA PRO A 126 3.45 21.97 10.74
C PRO A 126 2.99 21.10 11.91
N LEU A 127 3.78 20.07 12.20
CA LEU A 127 3.65 19.30 13.44
C LEU A 127 4.88 19.69 14.27
N ALA A 128 4.69 20.69 15.13
CA ALA A 128 5.80 21.36 15.79
C ALA A 128 6.37 20.49 16.91
N PRO A 129 7.71 20.51 17.07
CA PRO A 129 8.29 19.81 18.20
C PRO A 129 7.94 20.60 19.45
N SER A 130 7.40 19.92 20.47
CA SER A 130 6.97 20.58 21.71
C SER A 130 7.21 19.63 22.89
N SER A 131 6.14 18.94 23.33
CA SER A 131 6.19 17.65 24.06
C SER A 131 4.78 17.20 24.48
N GLY A 137 16.33 12.68 24.81
CA GLY A 137 17.03 13.71 24.03
C GLY A 137 16.63 13.74 22.56
N THR A 138 15.53 13.06 22.22
CA THR A 138 15.01 13.01 20.86
C THR A 138 13.69 13.78 20.77
N ALA A 139 13.57 14.61 19.73
CA ALA A 139 12.34 15.34 19.44
C ALA A 139 11.72 14.80 18.14
N ALA A 140 10.40 14.75 18.10
CA ALA A 140 9.66 14.42 16.87
C ALA A 140 9.01 15.68 16.32
N LEU A 141 9.07 15.82 15.01
CA LEU A 141 8.41 16.91 14.32
C LEU A 141 7.95 16.41 12.94
N GLY A 142 7.09 17.17 12.30
CA GLY A 142 6.56 16.75 11.01
C GLY A 142 5.74 17.77 10.27
N CYS A 143 5.10 17.29 9.20
CA CYS A 143 4.17 18.08 8.41
C CYS A 143 2.94 17.23 8.14
N LEU A 144 1.78 17.84 8.30
CA LEU A 144 0.51 17.23 7.97
C LEU A 144 0.14 17.73 6.58
N VAL A 145 0.06 16.79 5.63
CA VAL A 145 -0.21 17.08 4.22
C VAL A 145 -1.63 16.65 3.96
N LYS A 146 -2.53 17.61 3.90
CA LYS A 146 -3.93 17.33 4.04
C LYS A 146 -4.82 17.82 2.88
N ASP A 147 -5.85 17.02 2.58
CA ASP A 147 -6.95 17.41 1.69
C ASP A 147 -6.49 17.66 0.25
N TYR A 148 -5.83 16.67 -0.33
CA TYR A 148 -5.42 16.73 -1.72
C TYR A 148 -6.09 15.61 -2.53
N PHE A 149 -6.14 15.85 -3.85
CA PHE A 149 -6.59 14.83 -4.78
C PHE A 149 -6.01 15.14 -6.15
N PRO A 150 -5.60 14.12 -6.93
CA PRO A 150 -5.47 12.71 -6.59
C PRO A 150 -4.11 12.43 -5.98
N GLU A 151 -3.84 11.18 -5.66
CA GLU A 151 -2.48 10.73 -5.38
C GLU A 151 -1.64 10.91 -6.65
N PRO A 152 -0.31 11.01 -6.50
CA PRO A 152 0.48 11.02 -5.28
C PRO A 152 0.99 12.40 -4.91
N VAL A 153 1.54 12.51 -3.71
CA VAL A 153 2.35 13.66 -3.33
C VAL A 153 3.74 13.12 -3.03
N THR A 154 4.75 13.97 -3.15
CA THR A 154 6.10 13.63 -2.71
C THR A 154 6.45 14.54 -1.54
N VAL A 155 7.10 13.99 -0.53
CA VAL A 155 7.58 14.76 0.60
C VAL A 155 9.05 14.52 0.81
N SER A 156 9.81 15.60 0.97
CA SER A 156 11.20 15.50 1.40
C SER A 156 11.45 16.46 2.54
N TRP A 157 12.59 16.30 3.20
CA TRP A 157 12.98 17.18 4.28
C TRP A 157 14.29 17.84 3.92
N ASN A 158 14.35 19.15 4.11
CA ASN A 158 15.55 19.93 3.84
C ASN A 158 16.10 19.64 2.43
N SER A 159 15.19 19.59 1.46
CA SER A 159 15.50 19.33 0.07
C SER A 159 16.21 17.99 -0.15
N GLY A 160 15.90 17.00 0.67
CA GLY A 160 16.50 15.66 0.55
C GLY A 160 17.78 15.45 1.33
N ALA A 161 18.29 16.50 1.97
CA ALA A 161 19.48 16.40 2.82
C ALA A 161 19.19 15.61 4.09
N LEU A 162 17.93 15.60 4.52
CA LEU A 162 17.52 14.88 5.72
C LEU A 162 16.67 13.68 5.35
N THR A 163 17.23 12.48 5.54
CA THR A 163 16.51 11.21 5.28
C THR A 163 16.47 10.28 6.50
N SER A 164 17.47 10.33 7.38
CA SER A 164 17.50 9.48 8.57
C SER A 164 16.34 9.82 9.53
N GLY A 165 15.61 8.79 9.95
CA GLY A 165 14.51 8.97 10.92
C GLY A 165 13.23 9.50 10.32
N VAL A 166 13.18 9.65 8.99
CA VAL A 166 12.00 10.18 8.31
C VAL A 166 11.02 9.03 8.08
N HIS A 167 9.76 9.26 8.44
CA HIS A 167 8.65 8.35 8.11
C HIS A 167 7.55 9.14 7.43
N THR A 168 7.30 8.84 6.16
CA THR A 168 6.19 9.44 5.46
C THR A 168 5.13 8.37 5.32
N PHE A 169 4.02 8.58 6.02
CA PHE A 169 2.98 7.56 6.12
C PHE A 169 2.18 7.44 4.84
N PRO A 170 1.67 6.23 4.56
CA PRO A 170 0.78 6.09 3.42
C PRO A 170 -0.44 6.98 3.58
N ALA A 171 -0.93 7.50 2.46
CA ALA A 171 -2.12 8.34 2.50
C ALA A 171 -3.35 7.54 2.89
N VAL A 172 -4.28 8.20 3.56
N VAL A 172 -4.29 8.20 3.55
CA VAL A 172 -5.60 7.63 3.84
CA VAL A 172 -5.60 7.64 3.86
C VAL A 172 -6.62 8.47 3.08
C VAL A 172 -6.63 8.47 3.11
N LEU A 173 -7.62 7.81 2.52
CA LEU A 173 -8.70 8.48 1.83
C LEU A 173 -9.73 8.86 2.89
N GLN A 174 -10.00 10.15 3.02
N GLN A 174 -9.99 10.15 3.01
CA GLN A 174 -10.97 10.66 3.99
CA GLN A 174 -10.98 10.69 3.96
C GLN A 174 -12.39 10.58 3.43
C GLN A 174 -12.40 10.53 3.43
N SER A 175 -13.39 10.69 4.31
CA SER A 175 -14.81 10.62 3.90
C SER A 175 -15.17 11.68 2.86
N SER A 176 -14.41 12.78 2.81
CA SER A 176 -14.59 13.83 1.82
C SER A 176 -14.18 13.44 0.40
N GLY A 177 -13.46 12.34 0.27
CA GLY A 177 -12.88 11.91 -0.99
C GLY A 177 -11.50 12.47 -1.25
N LEU A 178 -10.97 13.23 -0.30
CA LEU A 178 -9.63 13.80 -0.40
C LEU A 178 -8.67 12.95 0.45
N TYR A 179 -7.40 12.96 0.08
CA TYR A 179 -6.37 12.21 0.80
C TYR A 179 -5.67 13.07 1.85
N SER A 180 -5.09 12.41 2.85
N SER A 180 -5.06 12.40 2.82
CA SER A 180 -4.26 13.07 3.84
CA SER A 180 -4.24 13.08 3.82
C SER A 180 -3.14 12.14 4.29
C SER A 180 -3.17 12.14 4.37
N LEU A 181 -2.00 12.71 4.66
CA LEU A 181 -0.92 11.96 5.29
C LEU A 181 -0.08 12.89 6.14
N SER A 182 0.73 12.30 7.00
CA SER A 182 1.76 13.05 7.72
C SER A 182 3.11 12.48 7.35
N SER A 183 4.10 13.36 7.33
CA SER A 183 5.50 12.97 7.31
C SER A 183 6.15 13.48 8.57
N VAL A 184 6.86 12.61 9.27
CA VAL A 184 7.51 12.94 10.52
C VAL A 184 8.99 12.58 10.48
N VAL A 185 9.76 13.20 11.39
CA VAL A 185 11.16 12.89 11.53
C VAL A 185 11.52 13.06 13.00
N THR A 186 12.41 12.19 13.49
CA THR A 186 12.92 12.34 14.85
C THR A 186 14.34 12.89 14.75
N VAL A 187 14.63 13.90 15.57
CA VAL A 187 15.93 14.58 15.58
C VAL A 187 16.39 14.83 17.02
N PRO A 188 17.69 15.09 17.23
CA PRO A 188 18.14 15.43 18.58
C PRO A 188 17.48 16.71 19.08
N SER A 189 16.90 16.66 20.28
CA SER A 189 16.32 17.84 20.93
C SER A 189 17.28 19.04 20.92
N SER A 190 18.58 18.75 21.05
CA SER A 190 19.63 19.77 21.06
C SER A 190 19.85 20.48 19.71
N SER A 191 19.26 19.95 18.64
CA SER A 191 19.37 20.57 17.31
C SER A 191 18.27 21.59 17.04
N LEU A 192 17.21 21.58 17.84
CA LEU A 192 16.02 22.38 17.57
C LEU A 192 16.26 23.89 17.51
N GLY A 193 17.20 24.40 18.31
CA GLY A 193 17.52 25.82 18.34
C GLY A 193 18.45 26.26 17.20
N THR A 194 19.26 25.33 16.72
CA THR A 194 20.31 25.64 15.72
C THR A 194 19.97 25.20 14.29
N GLN A 195 19.37 24.02 14.15
CA GLN A 195 19.12 23.42 12.83
C GLN A 195 17.72 23.73 12.31
N THR A 196 17.63 24.20 11.07
CA THR A 196 16.35 24.48 10.42
C THR A 196 15.77 23.20 9.79
N TYR A 197 14.47 23.00 9.97
CA TYR A 197 13.76 21.85 9.41
C TYR A 197 12.62 22.33 8.51
N ILE A 198 12.70 21.93 7.25
CA ILE A 198 11.74 22.33 6.23
C ILE A 198 11.22 21.09 5.52
N CYS A 199 9.90 20.93 5.44
CA CYS A 199 9.33 19.87 4.63
C CYS A 199 8.97 20.42 3.25
N ASN A 200 9.36 19.69 2.21
CA ASN A 200 9.12 20.08 0.84
C ASN A 200 8.05 19.15 0.29
N VAL A 201 6.92 19.73 -0.10
CA VAL A 201 5.79 18.94 -0.57
C VAL A 201 5.45 19.32 -1.99
N ASN A 202 5.41 18.33 -2.87
CA ASN A 202 5.07 18.54 -4.27
CA ASN A 202 5.06 18.55 -4.27
C ASN A 202 3.85 17.71 -4.65
N HIS A 203 2.87 18.36 -5.26
CA HIS A 203 1.68 17.70 -5.78
C HIS A 203 1.54 18.13 -7.26
N LYS A 204 2.07 17.30 -8.16
N LYS A 204 2.09 17.31 -8.14
CA LYS A 204 2.16 17.65 -9.57
CA LYS A 204 2.15 17.62 -9.57
C LYS A 204 0.79 17.88 -10.26
C LYS A 204 0.79 17.90 -10.22
N PRO A 205 -0.23 17.06 -9.95
CA PRO A 205 -1.54 17.31 -10.59
C PRO A 205 -2.15 18.72 -10.39
N SER A 206 -1.85 19.36 -9.27
CA SER A 206 -2.36 20.71 -8.99
C SER A 206 -1.27 21.77 -9.16
N ASN A 207 -0.08 21.38 -9.62
CA ASN A 207 1.06 22.28 -9.74
C ASN A 207 1.41 22.94 -8.39
N THR A 208 1.31 22.16 -7.31
CA THR A 208 1.60 22.66 -5.97
C THR A 208 3.01 22.26 -5.56
N LYS A 209 3.78 23.25 -5.14
CA LYS A 209 5.11 23.03 -4.58
C LYS A 209 5.22 23.94 -3.37
N VAL A 210 5.26 23.34 -2.19
CA VAL A 210 5.24 24.03 -0.91
C VAL A 210 6.46 23.64 -0.08
N ASP A 211 7.09 24.64 0.54
CA ASP A 211 8.13 24.39 1.53
C ASP A 211 7.66 25.03 2.84
N LYS A 212 7.50 24.22 3.87
CA LYS A 212 6.97 24.67 5.16
C LYS A 212 8.05 24.50 6.21
N LYS A 213 8.50 25.61 6.80
CA LYS A 213 9.45 25.55 7.90
C LYS A 213 8.70 25.10 9.16
N VAL A 214 9.25 24.10 9.84
CA VAL A 214 8.65 23.56 11.06
C VAL A 214 9.54 23.99 12.22
N GLU A 215 9.03 24.90 13.05
CA GLU A 215 9.80 25.39 14.18
C GLU A 215 9.16 25.06 15.53
N PRO A 216 9.99 25.01 16.59
CA PRO A 216 9.45 24.75 17.92
C PRO A 216 8.46 25.85 18.29
N LYS A 217 7.46 25.49 19.08
CA LYS A 217 6.26 26.34 19.22
C LYS A 217 6.36 27.52 20.19
N ASP B 1 -17.10 -20.11 -9.33
CA ASP B 1 -15.65 -19.79 -9.36
C ASP B 1 -14.89 -20.45 -8.23
N ILE B 2 -13.61 -20.66 -8.45
CA ILE B 2 -12.82 -21.36 -7.46
C ILE B 2 -12.18 -20.34 -6.54
N GLN B 3 -12.40 -20.55 -5.26
CA GLN B 3 -11.76 -19.74 -4.23
C GLN B 3 -10.44 -20.38 -3.85
N MET B 4 -9.38 -19.58 -3.83
CA MET B 4 -8.06 -19.99 -3.39
C MET B 4 -7.81 -19.34 -2.03
N THR B 5 -7.68 -20.17 -0.99
CA THR B 5 -7.51 -19.64 0.36
C THR B 5 -6.14 -20.00 0.92
N GLN B 6 -5.34 -18.97 1.19
CA GLN B 6 -3.99 -19.16 1.72
C GLN B 6 -3.95 -19.13 3.23
N SER B 7 -3.02 -19.90 3.78
CA SER B 7 -2.80 -19.96 5.22
C SER B 7 -1.31 -20.00 5.47
N PRO B 8 -0.81 -19.20 6.42
CA PRO B 8 -1.48 -18.17 7.20
C PRO B 8 -1.62 -16.92 6.33
N SER B 9 -2.28 -15.88 6.83
CA SER B 9 -2.34 -14.60 6.11
C SER B 9 -1.05 -13.78 6.31
N SER B 10 -0.33 -14.05 7.39
CA SER B 10 0.94 -13.40 7.59
C SER B 10 1.77 -14.23 8.54
N LEU B 11 3.08 -14.09 8.44
CA LEU B 11 3.97 -14.77 9.32
C LEU B 11 5.25 -13.98 9.51
N SER B 12 5.86 -14.15 10.68
CA SER B 12 7.14 -13.52 11.00
C SER B 12 8.16 -14.62 11.03
N ALA B 13 9.29 -14.38 10.39
CA ALA B 13 10.38 -15.38 10.35
C ALA B 13 11.72 -14.68 10.41
N SER B 14 12.75 -15.48 10.69
CA SER B 14 14.13 -15.03 10.64
C SER B 14 14.86 -15.57 9.41
N VAL B 15 15.89 -14.86 8.98
CA VAL B 15 16.80 -15.37 7.97
C VAL B 15 17.28 -16.76 8.38
N GLY B 16 17.23 -17.68 7.43
CA GLY B 16 17.60 -19.09 7.66
C GLY B 16 16.45 -19.99 8.01
N ASP B 17 15.29 -19.42 8.33
CA ASP B 17 14.15 -20.24 8.72
C ASP B 17 13.52 -20.94 7.50
N ARG B 18 12.92 -22.09 7.76
CA ARG B 18 12.05 -22.77 6.82
CA ARG B 18 12.04 -22.74 6.79
C ARG B 18 10.67 -22.13 6.93
N VAL B 19 10.08 -21.74 5.80
CA VAL B 19 8.76 -21.12 5.76
C VAL B 19 7.86 -22.01 4.90
N THR B 20 6.64 -22.26 5.37
CA THR B 20 5.62 -23.01 4.65
C THR B 20 4.33 -22.21 4.54
N ILE B 21 3.85 -22.05 3.31
CA ILE B 21 2.59 -21.38 3.03
C ILE B 21 1.67 -22.36 2.30
N THR B 22 0.43 -22.47 2.74
CA THR B 22 -0.49 -23.41 2.12
C THR B 22 -1.59 -22.67 1.38
N CYS B 23 -2.18 -23.35 0.40
CA CYS B 23 -3.25 -22.79 -0.39
C CYS B 23 -4.24 -23.92 -0.60
N LYS B 24 -5.50 -23.67 -0.26
CA LYS B 24 -6.58 -24.62 -0.43
C LYS B 24 -7.51 -24.08 -1.52
N ALA B 25 -7.73 -24.88 -2.57
CA ALA B 25 -8.67 -24.55 -3.65
C ALA B 25 -10.03 -25.12 -3.25
N SER B 26 -11.09 -24.39 -3.57
CA SER B 26 -12.44 -24.82 -3.19
C SER B 26 -12.97 -26.03 -3.98
N GLN B 27 -12.38 -26.29 -5.14
CA GLN B 27 -12.66 -27.45 -5.97
C GLN B 27 -11.34 -27.89 -6.59
N ASN B 28 -11.29 -29.11 -7.15
CA ASN B 28 -10.05 -29.59 -7.75
C ASN B 28 -9.58 -28.66 -8.88
N VAL B 29 -8.28 -28.39 -8.91
CA VAL B 29 -7.63 -27.62 -9.98
C VAL B 29 -6.43 -28.35 -10.60
N GLY B 30 -6.35 -29.66 -10.40
CA GLY B 30 -5.24 -30.47 -10.96
C GLY B 30 -3.92 -29.98 -10.42
N ILE B 31 -3.00 -29.70 -11.33
CA ILE B 31 -1.72 -29.11 -10.98
C ILE B 31 -1.57 -27.74 -11.65
N ASN B 32 -2.68 -27.16 -12.11
CA ASN B 32 -2.67 -25.85 -12.79
C ASN B 32 -2.68 -24.72 -11.77
N VAL B 33 -1.61 -24.68 -10.96
CA VAL B 33 -1.42 -23.69 -9.89
C VAL B 33 -0.03 -23.06 -10.05
N ALA B 34 0.03 -21.74 -9.84
CA ALA B 34 1.25 -20.96 -9.87
C ALA B 34 1.39 -20.25 -8.53
N TRP B 35 2.64 -19.97 -8.13
CA TRP B 35 2.95 -19.13 -6.97
C TRP B 35 3.79 -17.93 -7.41
N TYR B 36 3.53 -16.79 -6.78
CA TYR B 36 4.20 -15.54 -7.05
C TYR B 36 4.74 -14.88 -5.78
N GLN B 37 5.77 -14.07 -5.97
CA GLN B 37 6.28 -13.16 -4.95
C GLN B 37 5.96 -11.75 -5.42
N GLN B 38 5.50 -10.90 -4.50
CA GLN B 38 5.33 -9.49 -4.81
C GLN B 38 5.91 -8.60 -3.73
N LYS B 39 6.67 -7.60 -4.17
CA LYS B 39 7.21 -6.58 -3.27
C LYS B 39 6.48 -5.26 -3.54
N PRO B 40 6.48 -4.35 -2.56
CA PRO B 40 5.75 -3.10 -2.74
C PRO B 40 6.14 -2.31 -3.99
N GLY B 41 5.14 -1.84 -4.72
CA GLY B 41 5.34 -1.04 -5.92
C GLY B 41 5.64 -1.81 -7.20
N LYS B 42 5.71 -3.15 -7.09
CA LYS B 42 6.15 -3.99 -8.21
C LYS B 42 5.08 -4.99 -8.59
N ALA B 43 5.14 -5.48 -9.84
CA ALA B 43 4.27 -6.53 -10.30
C ALA B 43 4.68 -7.83 -9.61
N PRO B 44 3.74 -8.78 -9.51
CA PRO B 44 4.14 -10.10 -9.02
C PRO B 44 5.19 -10.74 -9.90
N LYS B 45 6.04 -11.55 -9.29
N LYS B 45 6.00 -11.60 -9.29
CA LYS B 45 7.07 -12.33 -9.98
CA LYS B 45 7.08 -12.33 -9.94
C LYS B 45 6.76 -13.81 -9.85
C LYS B 45 6.80 -13.82 -9.84
N LEU B 46 6.78 -14.52 -10.98
CA LEU B 46 6.46 -15.95 -10.99
C LEU B 46 7.59 -16.77 -10.34
N LEU B 47 7.21 -17.63 -9.41
CA LEU B 47 8.12 -18.54 -8.72
C LEU B 47 7.96 -19.99 -9.16
N ILE B 48 6.72 -20.47 -9.19
CA ILE B 48 6.41 -21.87 -9.42
C ILE B 48 5.26 -21.94 -10.40
N SER B 49 5.37 -22.84 -11.39
CA SER B 49 4.31 -23.16 -12.36
C SER B 49 3.96 -24.64 -12.24
N SER B 50 2.77 -24.99 -12.72
N SER B 50 2.76 -25.00 -12.69
CA SER B 50 2.27 -26.36 -12.69
CA SER B 50 2.31 -26.39 -12.68
C SER B 50 2.51 -27.04 -11.32
C SER B 50 2.49 -27.05 -11.31
N ALA B 51 2.17 -26.28 -10.28
CA ALA B 51 2.24 -26.70 -8.87
C ALA B 51 3.63 -26.95 -8.28
N SER B 52 4.57 -27.53 -9.04
CA SER B 52 5.84 -27.97 -8.44
C SER B 52 7.09 -27.62 -9.24
N TYR B 53 6.94 -26.87 -10.33
CA TYR B 53 8.10 -26.55 -11.18
C TYR B 53 8.59 -25.14 -10.95
N ARG B 54 9.81 -24.99 -10.46
CA ARG B 54 10.42 -23.67 -10.43
C ARG B 54 10.48 -23.08 -11.82
N TYR B 55 10.09 -21.82 -11.92
CA TYR B 55 10.24 -21.05 -13.11
C TYR B 55 11.73 -20.79 -13.34
N SER B 56 12.12 -20.66 -14.60
CA SER B 56 13.50 -20.43 -15.01
C SER B 56 14.21 -19.43 -14.12
N GLY B 57 15.30 -19.86 -13.49
CA GLY B 57 16.15 -18.99 -12.70
C GLY B 57 15.78 -18.84 -11.24
N VAL B 58 14.61 -19.33 -10.83
CA VAL B 58 14.21 -19.20 -9.45
C VAL B 58 15.11 -20.08 -8.57
N PRO B 59 15.63 -19.52 -7.44
CA PRO B 59 16.53 -20.26 -6.54
C PRO B 59 15.93 -21.55 -6.01
N SER B 60 16.80 -22.55 -5.83
CA SER B 60 16.41 -23.87 -5.37
C SER B 60 15.75 -23.92 -4.00
N ARG B 61 15.92 -22.87 -3.17
CA ARG B 61 15.24 -22.85 -1.87
C ARG B 61 13.72 -22.76 -1.96
N PHE B 62 13.19 -22.35 -3.12
CA PHE B 62 11.73 -22.30 -3.36
C PHE B 62 11.28 -23.64 -3.93
N SER B 63 10.25 -24.22 -3.35
CA SER B 63 9.67 -25.43 -3.92
C SER B 63 8.16 -25.42 -3.72
N GLY B 64 7.45 -26.08 -4.63
CA GLY B 64 6.01 -26.20 -4.57
C GLY B 64 5.60 -27.66 -4.60
N SER B 65 4.47 -27.95 -4.00
CA SER B 65 3.93 -29.32 -4.05
C SER B 65 2.42 -29.28 -4.00
N GLY B 66 1.84 -30.42 -4.35
CA GLY B 66 0.39 -30.59 -4.28
C GLY B 66 -0.32 -30.80 -5.59
N SER B 67 -1.57 -31.23 -5.48
CA SER B 67 -2.43 -31.43 -6.63
C SER B 67 -3.85 -31.50 -6.08
N GLY B 68 -4.83 -31.22 -6.92
CA GLY B 68 -6.21 -31.33 -6.53
C GLY B 68 -6.65 -30.06 -5.85
N THR B 69 -6.74 -30.12 -4.51
CA THR B 69 -7.16 -28.96 -3.75
C THR B 69 -6.11 -28.38 -2.79
N ASP B 70 -5.02 -29.10 -2.51
CA ASP B 70 -4.12 -28.69 -1.44
C ASP B 70 -2.73 -28.47 -1.99
N PHE B 71 -2.24 -27.24 -1.84
CA PHE B 71 -0.97 -26.81 -2.43
C PHE B 71 -0.12 -26.16 -1.36
N THR B 72 1.20 -26.32 -1.49
CA THR B 72 2.16 -25.79 -0.51
C THR B 72 3.36 -25.18 -1.20
N LEU B 73 3.72 -23.97 -0.77
CA LEU B 73 4.97 -23.32 -1.16
C LEU B 73 5.90 -23.42 0.06
N THR B 74 7.13 -23.84 -0.18
CA THR B 74 8.13 -23.93 0.89
C THR B 74 9.34 -23.09 0.49
N ILE B 75 9.86 -22.31 1.44
CA ILE B 75 11.16 -21.66 1.28
C ILE B 75 12.05 -22.32 2.32
N SER B 76 13.04 -23.08 1.88
CA SER B 76 13.77 -23.99 2.78
C SER B 76 14.64 -23.26 3.80
N SER B 77 15.20 -22.12 3.37
CA SER B 77 16.04 -21.29 4.23
C SER B 77 15.92 -19.84 3.77
N LEU B 78 15.13 -19.08 4.50
CA LEU B 78 14.75 -17.74 4.10
C LEU B 78 15.98 -16.82 3.99
N GLN B 79 16.04 -16.05 2.91
CA GLN B 79 17.09 -15.05 2.71
C GLN B 79 16.50 -13.64 2.82
N PRO B 80 17.34 -12.63 3.06
CA PRO B 80 16.85 -11.25 3.22
C PRO B 80 15.95 -10.76 2.09
N GLU B 81 16.25 -11.16 0.87
CA GLU B 81 15.47 -10.72 -0.30
C GLU B 81 14.09 -11.41 -0.39
N ASP B 82 13.82 -12.37 0.49
CA ASP B 82 12.59 -13.16 0.41
C ASP B 82 11.43 -12.59 1.24
N PHE B 83 11.67 -11.56 2.05
CA PHE B 83 10.60 -10.93 2.80
C PHE B 83 9.75 -10.14 1.80
N ALA B 84 8.51 -10.54 1.69
CA ALA B 84 7.62 -10.14 0.59
C ALA B 84 6.25 -10.76 0.83
N THR B 85 5.29 -10.46 -0.04
CA THR B 85 4.00 -11.14 -0.03
C THR B 85 3.98 -12.21 -1.13
N TYR B 86 3.40 -13.35 -0.80
CA TYR B 86 3.33 -14.50 -1.69
C TYR B 86 1.87 -14.82 -2.02
N PHE B 87 1.61 -15.17 -3.27
CA PHE B 87 0.25 -15.46 -3.75
C PHE B 87 0.22 -16.78 -4.50
N CYS B 88 -0.86 -17.54 -4.34
CA CYS B 88 -1.15 -18.65 -5.22
C CYS B 88 -2.18 -18.21 -6.26
N GLN B 89 -2.25 -18.97 -7.34
CA GLN B 89 -3.20 -18.73 -8.41
C GLN B 89 -3.57 -20.05 -9.06
N GLN B 90 -4.84 -20.24 -9.42
CA GLN B 90 -5.19 -21.34 -10.30
C GLN B 90 -5.51 -20.81 -11.70
N TYR B 91 -5.11 -21.60 -12.70
CA TYR B 91 -5.40 -21.37 -14.10
C TYR B 91 -5.99 -22.65 -14.75
N ASP B 92 -6.69 -23.43 -13.91
CA ASP B 92 -7.37 -24.64 -14.36
C ASP B 92 -8.70 -24.36 -15.05
N THR B 93 -9.38 -23.31 -14.61
CA THR B 93 -10.75 -23.03 -15.01
C THR B 93 -11.00 -21.53 -14.90
N TYR B 94 -11.96 -21.06 -15.68
CA TYR B 94 -12.30 -19.65 -15.69
C TYR B 94 -13.39 -19.32 -14.67
N PRO B 95 -13.29 -18.15 -14.02
CA PRO B 95 -12.19 -17.19 -14.16
C PRO B 95 -10.95 -17.67 -13.43
N PHE B 96 -9.77 -17.31 -13.92
CA PHE B 96 -8.56 -17.54 -13.14
C PHE B 96 -8.73 -16.80 -11.82
N THR B 97 -8.24 -17.40 -10.74
CA THR B 97 -8.38 -16.76 -9.43
C THR B 97 -7.09 -16.85 -8.61
N PHE B 98 -6.91 -15.88 -7.72
CA PHE B 98 -5.71 -15.74 -6.90
C PHE B 98 -6.07 -15.86 -5.42
N GLY B 99 -5.13 -16.40 -4.64
CA GLY B 99 -5.18 -16.31 -3.17
C GLY B 99 -5.11 -14.87 -2.69
N GLN B 100 -5.43 -14.67 -1.41
CA GLN B 100 -5.45 -13.33 -0.80
C GLN B 100 -4.06 -12.80 -0.44
N GLY B 101 -3.06 -13.67 -0.47
CA GLY B 101 -1.70 -13.30 -0.16
C GLY B 101 -1.30 -13.68 1.25
N THR B 102 -0.01 -13.95 1.41
CA THR B 102 0.60 -14.22 2.71
C THR B 102 1.82 -13.32 2.82
N LYS B 103 1.82 -12.41 3.79
CA LYS B 103 2.95 -11.50 3.98
C LYS B 103 3.95 -12.16 4.91
N VAL B 104 5.18 -12.27 4.44
CA VAL B 104 6.31 -12.79 5.22
C VAL B 104 7.14 -11.59 5.69
N GLU B 105 7.10 -11.34 7.01
N GLU B 105 7.14 -11.37 7.00
CA GLU B 105 7.82 -10.24 7.65
CA GLU B 105 7.80 -10.22 7.63
C GLU B 105 8.99 -10.74 8.51
C GLU B 105 8.96 -10.71 8.50
N ILE B 106 9.86 -9.80 8.86
CA ILE B 106 11.12 -10.08 9.58
CA ILE B 106 11.05 -10.23 9.58
C ILE B 106 10.86 -10.12 11.09
N LYS B 107 11.23 -11.20 11.76
CA LYS B 107 11.12 -11.31 13.21
C LYS B 107 12.28 -10.54 13.84
N ARG B 108 12.01 -9.88 14.95
CA ARG B 108 13.05 -9.23 15.71
C ARG B 108 12.60 -9.17 17.15
N THR B 109 13.44 -8.65 18.03
CA THR B 109 13.11 -8.54 19.43
C THR B 109 12.03 -7.48 19.66
N VAL B 110 11.26 -7.66 20.72
CA VAL B 110 10.23 -6.67 21.06
C VAL B 110 10.87 -5.31 21.30
N ALA B 111 10.22 -4.27 20.80
CA ALA B 111 10.64 -2.88 20.93
C ALA B 111 9.41 -2.02 21.21
N ALA B 112 9.40 -1.34 22.36
CA ALA B 112 8.28 -0.48 22.72
C ALA B 112 8.35 0.80 21.90
N PRO B 113 7.18 1.35 21.53
CA PRO B 113 7.21 2.62 20.82
C PRO B 113 7.55 3.81 21.70
N SER B 114 8.26 4.78 21.14
CA SER B 114 8.25 6.13 21.66
CA SER B 114 8.23 6.12 21.69
C SER B 114 6.97 6.80 21.15
N VAL B 115 6.27 7.51 22.03
CA VAL B 115 4.97 8.09 21.69
C VAL B 115 5.03 9.62 21.77
N PHE B 116 4.47 10.26 20.76
CA PHE B 116 4.50 11.72 20.65
C PHE B 116 3.10 12.18 20.23
N ILE B 117 2.68 13.34 20.76
CA ILE B 117 1.38 13.92 20.42
C ILE B 117 1.57 15.35 19.90
N PHE B 118 0.79 15.70 18.87
CA PHE B 118 0.87 16.98 18.23
C PHE B 118 -0.51 17.63 18.20
N PRO B 119 -0.66 18.77 18.87
CA PRO B 119 -1.91 19.50 18.73
C PRO B 119 -2.10 20.07 17.32
N PRO B 120 -3.33 20.47 16.97
CA PRO B 120 -3.54 21.18 15.71
C PRO B 120 -2.73 22.47 15.67
N SER B 121 -2.17 22.78 14.51
CA SER B 121 -1.39 23.98 14.32
C SER B 121 -2.32 25.19 14.28
N ASP B 122 -1.80 26.35 14.67
CA ASP B 122 -2.55 27.59 14.55
C ASP B 122 -2.98 27.83 13.11
N GLU B 123 -2.09 27.52 12.17
CA GLU B 123 -2.40 27.59 10.74
C GLU B 123 -3.66 26.79 10.39
N GLN B 124 -3.76 25.55 10.84
CA GLN B 124 -4.91 24.72 10.47
C GLN B 124 -6.18 25.25 11.13
N LEU B 125 -6.04 25.66 12.39
CA LEU B 125 -7.18 26.16 13.14
C LEU B 125 -7.82 27.36 12.44
N LYS B 126 -7.00 28.25 11.88
CA LYS B 126 -7.54 29.36 11.07
C LYS B 126 -8.60 28.88 10.06
N SER B 127 -8.40 27.68 9.51
CA SER B 127 -9.15 27.19 8.35
C SER B 127 -10.39 26.32 8.65
N GLY B 128 -10.79 26.20 9.91
CA GLY B 128 -12.06 25.54 10.27
C GLY B 128 -12.01 24.08 10.76
N THR B 129 -10.85 23.45 10.67
CA THR B 129 -10.72 22.05 11.11
C THR B 129 -9.56 21.87 12.06
N ALA B 130 -9.59 20.78 12.81
CA ALA B 130 -8.57 20.47 13.80
C ALA B 130 -8.18 19.01 13.64
N SER B 131 -6.89 18.75 13.43
CA SER B 131 -6.38 17.38 13.41
C SER B 131 -5.38 17.24 14.55
N VAL B 132 -5.55 16.21 15.36
CA VAL B 132 -4.60 15.91 16.42
C VAL B 132 -3.90 14.61 16.02
N VAL B 133 -2.57 14.62 16.07
CA VAL B 133 -1.79 13.49 15.59
C VAL B 133 -1.02 12.85 16.73
N CYS B 134 -1.14 11.52 16.84
CA CYS B 134 -0.36 10.71 17.77
C CYS B 134 0.60 9.84 16.94
N LEU B 135 1.89 9.89 17.27
CA LEU B 135 2.92 9.13 16.55
C LEU B 135 3.49 8.05 17.46
N LEU B 136 3.55 6.83 16.96
CA LEU B 136 4.25 5.74 17.63
C LEU B 136 5.46 5.44 16.78
N ASN B 137 6.63 5.59 17.36
CA ASN B 137 7.87 5.50 16.61
C ASN B 137 8.65 4.23 16.91
N ASN B 138 8.96 3.50 15.84
CA ASN B 138 9.91 2.37 15.83
C ASN B 138 9.64 1.29 16.88
N PHE B 139 8.52 0.60 16.69
CA PHE B 139 8.11 -0.46 17.58
C PHE B 139 8.03 -1.79 16.86
N TYR B 140 7.99 -2.84 17.67
CA TYR B 140 7.86 -4.22 17.19
C TYR B 140 7.33 -5.10 18.33
N PRO B 141 6.34 -5.98 18.06
CA PRO B 141 5.68 -6.30 16.80
C PRO B 141 4.66 -5.24 16.38
N ARG B 142 4.01 -5.48 15.24
CA ARG B 142 3.12 -4.49 14.63
C ARG B 142 1.89 -4.19 15.47
N GLU B 143 1.42 -5.19 16.19
CA GLU B 143 0.19 -5.06 16.97
C GLU B 143 0.30 -4.00 18.06
N ALA B 144 -0.62 -3.04 18.03
CA ALA B 144 -0.62 -1.93 19.00
C ALA B 144 -2.04 -1.39 19.08
N LYS B 145 -2.43 -0.95 20.25
CA LYS B 145 -3.74 -0.38 20.45
C LYS B 145 -3.54 1.10 20.75
N VAL B 146 -4.19 1.96 19.99
CA VAL B 146 -4.11 3.40 20.18
C VAL B 146 -5.53 3.92 20.41
N GLN B 147 -5.76 4.45 21.61
CA GLN B 147 -7.08 4.91 22.00
CA GLN B 147 -7.07 4.89 22.02
C GLN B 147 -7.02 6.40 22.28
N TRP B 148 -7.97 7.12 21.70
CA TRP B 148 -8.09 8.56 21.93
C TRP B 148 -9.06 8.82 23.09
N LYS B 149 -8.73 9.81 23.90
CA LYS B 149 -9.62 10.30 24.95
C LYS B 149 -9.69 11.81 24.86
N VAL B 150 -10.89 12.34 25.05
CA VAL B 150 -11.13 13.76 25.06
C VAL B 150 -11.82 14.06 26.39
N ASP B 151 -11.22 14.91 27.20
CA ASP B 151 -11.70 15.15 28.56
C ASP B 151 -11.95 13.82 29.26
N ASN B 152 -11.02 12.89 29.07
CA ASN B 152 -11.01 11.59 29.74
C ASN B 152 -12.06 10.61 29.27
N ALA B 153 -12.79 10.96 28.23
CA ALA B 153 -13.84 10.10 27.65
C ALA B 153 -13.27 9.39 26.42
N LEU B 154 -13.42 8.08 26.37
CA LEU B 154 -12.97 7.30 25.22
C LEU B 154 -13.73 7.66 23.95
N GLN B 155 -12.97 7.82 22.87
CA GLN B 155 -13.49 8.15 21.55
C GLN B 155 -13.64 6.91 20.67
N SER B 156 -14.49 7.06 19.65
CA SER B 156 -14.73 6.01 18.66
C SER B 156 -15.16 6.67 17.35
N GLY B 157 -14.59 6.23 16.24
CA GLY B 157 -15.13 6.57 14.91
C GLY B 157 -14.62 7.86 14.29
N ASN B 158 -13.75 8.57 15.00
CA ASN B 158 -13.23 9.86 14.55
C ASN B 158 -11.71 9.89 14.43
N SER B 159 -11.08 8.70 14.34
CA SER B 159 -9.65 8.64 14.10
C SER B 159 -9.34 7.63 13.00
N GLN B 160 -8.18 7.80 12.37
CA GLN B 160 -7.72 6.92 11.28
C GLN B 160 -6.23 6.65 11.55
N GLU B 161 -5.78 5.41 11.32
CA GLU B 161 -4.39 5.03 11.53
C GLU B 161 -3.72 4.75 10.18
N SER B 162 -2.41 4.98 10.13
CA SER B 162 -1.58 4.63 8.99
C SER B 162 -0.28 4.06 9.54
N VAL B 163 0.24 3.02 8.90
N VAL B 163 0.24 3.02 8.88
CA VAL B 163 1.44 2.34 9.37
CA VAL B 163 1.44 2.33 9.36
C VAL B 163 2.44 2.22 8.22
C VAL B 163 2.44 2.23 8.22
N THR B 164 3.72 2.34 8.56
CA THR B 164 4.80 2.22 7.57
C THR B 164 5.07 0.74 7.34
N GLU B 165 5.80 0.42 6.27
CA GLU B 165 6.35 -0.93 6.10
C GLU B 165 7.49 -1.10 7.10
N GLN B 166 7.94 -2.33 7.32
CA GLN B 166 9.07 -2.56 8.21
C GLN B 166 10.31 -1.77 7.79
N ASP B 167 10.91 -1.10 8.76
CA ASP B 167 12.09 -0.26 8.52
C ASP B 167 13.27 -1.09 8.00
N SER B 168 13.94 -0.57 6.97
CA SER B 168 15.04 -1.29 6.33
C SER B 168 16.32 -1.33 7.19
N LYS B 169 16.38 -0.47 8.21
CA LYS B 169 17.51 -0.44 9.15
C LYS B 169 17.30 -1.34 10.36
N ASP B 170 16.18 -1.15 11.07
CA ASP B 170 15.94 -1.84 12.34
C ASP B 170 14.71 -2.77 12.38
N SER B 171 14.04 -2.93 11.25
CA SER B 171 12.89 -3.87 11.14
C SER B 171 11.72 -3.53 12.06
N THR B 172 11.60 -2.27 12.47
CA THR B 172 10.45 -1.83 13.26
C THR B 172 9.34 -1.21 12.39
N TYR B 173 8.20 -0.93 13.03
CA TYR B 173 7.09 -0.23 12.42
C TYR B 173 6.97 1.14 13.07
N SER B 174 6.40 2.09 12.34
CA SER B 174 5.93 3.34 12.95
C SER B 174 4.49 3.55 12.49
N LEU B 175 3.75 4.31 13.28
CA LEU B 175 2.31 4.40 13.11
C LEU B 175 1.84 5.79 13.49
N SER B 176 0.92 6.33 12.69
CA SER B 176 0.24 7.57 13.04
C SER B 176 -1.23 7.26 13.32
N SER B 177 -1.79 7.91 14.33
CA SER B 177 -3.22 7.92 14.56
C SER B 177 -3.63 9.37 14.56
N THR B 178 -4.62 9.72 13.74
CA THR B 178 -5.04 11.10 13.57
C THR B 178 -6.51 11.24 13.96
N LEU B 179 -6.77 12.10 14.94
CA LEU B 179 -8.13 12.42 15.39
C LEU B 179 -8.57 13.69 14.67
N THR B 180 -9.67 13.63 13.92
CA THR B 180 -10.14 14.84 13.21
C THR B 180 -11.49 15.30 13.72
N LEU B 181 -11.55 16.57 14.05
CA LEU B 181 -12.75 17.22 14.57
C LEU B 181 -12.93 18.52 13.83
N SER B 182 -14.16 19.02 13.86
CA SER B 182 -14.41 20.40 13.49
C SER B 182 -13.72 21.30 14.51
N LYS B 183 -13.29 22.48 14.08
CA LYS B 183 -12.71 23.45 15.00
C LYS B 183 -13.70 23.78 16.12
N ALA B 184 -14.98 23.94 15.76
CA ALA B 184 -16.03 24.21 16.74
C ALA B 184 -16.02 23.14 17.84
N ASP B 185 -15.95 21.88 17.45
CA ASP B 185 -15.91 20.79 18.44
C ASP B 185 -14.60 20.80 19.22
N TYR B 186 -13.50 20.98 18.51
CA TYR B 186 -12.17 20.99 19.15
C TYR B 186 -12.16 21.97 20.32
N GLU B 187 -12.71 23.16 20.09
CA GLU B 187 -12.69 24.25 21.06
C GLU B 187 -13.60 24.07 22.25
N LYS B 188 -14.41 23.02 22.25
CA LYS B 188 -15.32 22.75 23.34
C LYS B 188 -14.68 21.93 24.46
N HIS B 189 -13.47 21.41 24.25
CA HIS B 189 -12.86 20.48 25.19
C HIS B 189 -11.44 20.89 25.57
N LYS B 190 -10.98 20.39 26.72
CA LYS B 190 -9.70 20.80 27.26
C LYS B 190 -8.58 19.82 27.00
N VAL B 191 -8.78 18.57 27.41
CA VAL B 191 -7.70 17.59 27.41
C VAL B 191 -7.81 16.60 26.25
N TYR B 192 -6.73 16.51 25.47
CA TYR B 192 -6.61 15.56 24.35
C TYR B 192 -5.49 14.60 24.64
N ALA B 193 -5.77 13.30 24.57
CA ALA B 193 -4.85 12.27 25.00
C ALA B 193 -4.88 11.07 24.07
N CYS B 194 -3.71 10.53 23.74
CA CYS B 194 -3.69 9.21 23.07
C CYS B 194 -3.02 8.23 24.01
N GLU B 195 -3.67 7.08 24.21
CA GLU B 195 -3.19 6.03 25.10
C GLU B 195 -2.77 4.82 24.26
N VAL B 196 -1.54 4.37 24.47
CA VAL B 196 -0.93 3.34 23.65
C VAL B 196 -0.66 2.10 24.48
N THR B 197 -1.19 0.97 24.02
CA THR B 197 -0.93 -0.34 24.58
C THR B 197 -0.13 -1.15 23.57
N HIS B 198 0.97 -1.76 24.04
CA HIS B 198 1.88 -2.52 23.19
C HIS B 198 2.63 -3.51 24.08
N GLN B 199 3.01 -4.65 23.50
CA GLN B 199 3.70 -5.73 24.22
C GLN B 199 4.96 -5.25 24.95
N GLY B 200 5.61 -4.23 24.41
CA GLY B 200 6.88 -3.70 24.92
C GLY B 200 6.73 -2.72 26.08
N LEU B 201 5.50 -2.32 26.35
CA LEU B 201 5.19 -1.41 27.47
C LEU B 201 4.61 -2.21 28.63
N SER B 202 5.16 -2.03 29.84
CA SER B 202 4.67 -2.75 31.01
C SER B 202 3.24 -2.36 31.36
N SER B 203 2.88 -1.10 31.09
CA SER B 203 1.50 -0.63 31.17
C SER B 203 1.27 0.42 30.08
N PRO B 204 0.00 0.72 29.75
CA PRO B 204 -0.24 1.69 28.69
C PRO B 204 0.38 3.05 28.99
N VAL B 205 0.85 3.70 27.93
CA VAL B 205 1.51 4.99 28.01
C VAL B 205 0.59 6.03 27.41
N THR B 206 0.30 7.09 28.16
CA THR B 206 -0.55 8.19 27.68
C THR B 206 0.27 9.47 27.39
N LYS B 207 0.04 10.06 26.23
CA LYS B 207 0.58 11.39 25.94
C LYS B 207 -0.62 12.29 25.76
N SER B 208 -0.59 13.44 26.43
CA SER B 208 -1.72 14.33 26.34
C SER B 208 -1.27 15.78 26.36
N PHE B 209 -2.21 16.64 26.00
CA PHE B 209 -2.04 18.08 26.13
C PHE B 209 -3.35 18.74 26.50
N ASN B 210 -3.23 19.97 27.02
CA ASN B 210 -4.36 20.84 27.30
C ASN B 210 -4.50 21.85 26.20
N ARG B 211 -5.68 21.93 25.58
CA ARG B 211 -5.87 22.80 24.44
C ARG B 211 -5.50 24.24 24.77
N GLY B 212 -4.69 24.85 23.90
CA GLY B 212 -4.24 26.23 24.09
C GLY B 212 -3.15 26.37 25.14
N GLU B 213 -2.45 25.27 25.42
CA GLU B 213 -1.39 25.21 26.45
C GLU B 213 -1.85 25.71 27.81
C ACT C . -4.19 -19.16 -21.59
O ACT C . -3.70 -20.30 -21.63
OXT ACT C . -3.38 -18.16 -21.28
CH3 ACT C . -5.61 -18.84 -21.89
ZN ZN D . 11.44 6.49 13.57
ZN ZN E . -15.31 17.70 26.78
C ACT F . -17.89 18.50 27.67
O ACT F . -18.20 18.03 26.58
OXT ACT F . -16.60 18.59 27.95
CH3 ACT F . -18.92 18.94 28.68
C ACT G . 14.12 6.30 14.07
O ACT G . 13.53 6.51 15.12
OXT ACT G . 13.41 6.15 12.94
CH3 ACT G . 15.62 6.21 14.01
#